data_4J6W
#
_entry.id   4J6W
#
_cell.length_a   61.280
_cell.length_b   74.550
_cell.length_c   109.610
_cell.angle_alpha   90.00
_cell.angle_beta   90.00
_cell.angle_gamma   90.00
#
_symmetry.space_group_name_H-M   'P 21 21 21'
#
loop_
_entity.id
_entity.type
_entity.pdbx_description
1 polymer 'Protein hfq'
2 non-polymer "CYTIDINE-5'-TRIPHOSPHATE"
3 non-polymer "CYTIDINE-5'-MONOPHOSPHATE"
4 non-polymer 'MAGNESIUM ION'
5 non-polymer 'SODIUM ION'
6 non-polymer 'HEXAETHYLENE GLYCOL'
7 non-polymer 'CHLORIDE ION'
8 non-polymer "CYTIDINE-5'-DIPHOSPHATE"
9 water water
#
_entity_poly.entity_id   1
_entity_poly.type   'polypeptide(L)'
_entity_poly.pdbx_seq_one_letter_code
;MSKGHSLQDPYLNTLRKERVPVSIYLVNGIKLQGQIESFDQFVILLKNTVSQMVYKHAISTVVPSRPVRLPSGDQPAEPG
NA
;
_entity_poly.pdbx_strand_id   A,B,C,D,E,F
#
# COMPACT_ATOMS: atom_id res chain seq x y z
N HIS A 5 -9.67 -16.40 -1.68
CA HIS A 5 -9.77 -16.80 -0.28
C HIS A 5 -9.52 -18.30 -0.07
N SER A 6 -9.33 -19.00 -1.19
CA SER A 6 -9.30 -20.46 -1.21
C SER A 6 -8.18 -21.06 -0.41
N LEU A 7 -7.05 -20.36 -0.33
CA LEU A 7 -5.89 -20.85 0.39
C LEU A 7 -5.75 -20.16 1.75
N GLN A 8 -5.89 -18.84 1.74
CA GLN A 8 -5.66 -18.05 2.95
C GLN A 8 -6.51 -18.44 4.16
N ASP A 9 -7.82 -18.60 3.95
CA ASP A 9 -8.74 -18.84 5.06
C ASP A 9 -8.59 -20.20 5.74
N PRO A 10 -8.52 -21.31 4.96
CA PRO A 10 -8.30 -22.59 5.66
C PRO A 10 -6.93 -22.68 6.32
N TYR A 11 -5.93 -22.03 5.74
CA TYR A 11 -4.61 -22.01 6.34
C TYR A 11 -4.63 -21.30 7.72
N LEU A 12 -5.23 -20.11 7.79
CA LEU A 12 -5.36 -19.43 9.07
C LEU A 12 -6.25 -20.21 10.04
N ASN A 13 -7.33 -20.79 9.52
CA ASN A 13 -8.23 -21.55 10.36
C ASN A 13 -7.55 -22.77 10.98
N THR A 14 -6.64 -23.40 10.24
CA THR A 14 -5.86 -24.48 10.79
C THR A 14 -4.95 -23.99 11.90
N LEU A 15 -4.24 -22.90 11.64
CA LEU A 15 -3.37 -22.31 12.63
C LEU A 15 -4.18 -21.99 13.90
N ARG A 16 -5.41 -21.51 13.69
CA ARG A 16 -6.27 -21.08 14.80
C ARG A 16 -6.76 -22.28 15.62
N LYS A 17 -7.42 -23.22 14.96
CA LYS A 17 -7.96 -24.39 15.65
C LYS A 17 -6.89 -25.21 16.36
N GLU A 18 -5.73 -25.33 15.75
CA GLU A 18 -4.66 -26.13 16.34
C GLU A 18 -3.77 -25.35 17.28
N ARG A 19 -4.04 -24.05 17.44
CA ARG A 19 -3.26 -23.18 18.33
C ARG A 19 -1.76 -23.22 18.06
N VAL A 20 -1.40 -23.33 16.80
CA VAL A 20 0.01 -23.42 16.42
C VAL A 20 0.71 -22.11 16.77
N PRO A 21 1.89 -22.20 17.42
CA PRO A 21 2.68 -20.96 17.58
C PRO A 21 3.16 -20.44 16.23
N VAL A 22 3.03 -19.14 15.99
CA VAL A 22 3.39 -18.55 14.70
C VAL A 22 4.25 -17.31 14.88
N SER A 23 5.02 -16.98 13.85
CA SER A 23 5.65 -15.67 13.77
C SER A 23 4.93 -14.91 12.66
N ILE A 24 4.68 -13.63 12.89
CA ILE A 24 4.08 -12.79 11.87
C ILE A 24 5.06 -11.66 11.58
N TYR A 25 5.54 -11.60 10.34
CA TYR A 25 6.47 -10.54 9.96
C TYR A 25 5.70 -9.37 9.33
N LEU A 26 5.98 -8.17 9.81
CA LEU A 26 5.31 -7.00 9.24
C LEU A 26 6.12 -6.45 8.04
N VAL A 27 5.49 -5.64 7.21
CA VAL A 27 6.17 -5.10 6.02
C VAL A 27 7.37 -4.23 6.40
N ASN A 28 7.38 -3.71 7.63
CA ASN A 28 8.49 -2.88 8.09
C ASN A 28 9.59 -3.71 8.75
N GLY A 29 9.48 -5.04 8.69
CA GLY A 29 10.50 -5.90 9.27
C GLY A 29 10.26 -6.32 10.70
N ILE A 30 9.24 -5.77 11.34
CA ILE A 30 8.98 -6.14 12.73
C ILE A 30 8.40 -7.55 12.82
N LYS A 31 8.98 -8.37 13.71
CA LYS A 31 8.47 -9.72 13.94
C LYS A 31 7.57 -9.84 15.16
N LEU A 32 6.34 -10.28 14.95
CA LEU A 32 5.42 -10.55 16.06
C LEU A 32 5.32 -12.05 16.28
N GLN A 33 5.15 -12.46 17.52
CA GLN A 33 5.03 -13.90 17.82
C GLN A 33 3.81 -14.18 18.68
N GLY A 34 3.19 -15.33 18.48
CA GLY A 34 2.05 -15.68 19.31
C GLY A 34 1.22 -16.77 18.66
N GLN A 35 -0.08 -16.64 18.78
CA GLN A 35 -0.96 -17.60 18.16
C GLN A 35 -2.14 -16.84 17.61
N ILE A 36 -2.73 -17.37 16.55
CA ILE A 36 -3.86 -16.72 15.92
C ILE A 36 -5.11 -17.07 16.70
N GLU A 37 -5.74 -16.07 17.32
CA GLU A 37 -6.92 -16.36 18.13
C GLU A 37 -8.17 -16.33 17.26
N SER A 38 -8.15 -15.47 16.25
CA SER A 38 -9.29 -15.25 15.38
C SER A 38 -8.85 -14.34 14.24
N PHE A 39 -9.69 -14.22 13.24
CA PHE A 39 -9.36 -13.40 12.07
C PHE A 39 -10.61 -13.14 11.28
N ASP A 40 -10.57 -12.11 10.43
CA ASP A 40 -11.63 -11.93 9.45
C ASP A 40 -11.01 -11.52 8.11
N GLN A 41 -11.79 -10.90 7.25
CA GLN A 41 -11.31 -10.48 5.93
C GLN A 41 -10.08 -9.55 6.01
N PHE A 42 -10.04 -8.68 7.03
CA PHE A 42 -9.00 -7.65 7.06
C PHE A 42 -8.02 -7.70 8.22
N VAL A 43 -8.38 -8.36 9.30
CA VAL A 43 -7.50 -8.35 10.47
C VAL A 43 -7.29 -9.74 11.03
N ILE A 44 -6.21 -9.86 11.78
CA ILE A 44 -5.87 -11.05 12.52
C ILE A 44 -5.69 -10.64 13.98
N LEU A 45 -6.33 -11.35 14.89
CA LEU A 45 -6.14 -11.09 16.32
C LEU A 45 -5.03 -12.01 16.86
N LEU A 46 -3.90 -11.42 17.21
CA LEU A 46 -2.74 -12.19 17.63
C LEU A 46 -2.61 -12.19 19.15
N LYS A 47 -2.62 -13.39 19.71
CA LYS A 47 -2.54 -13.55 21.16
C LYS A 47 -1.13 -13.79 21.63
N ASN A 48 -0.69 -12.93 22.54
CA ASN A 48 0.50 -13.23 23.34
CA ASN A 48 0.55 -13.08 23.27
C ASN A 48 0.41 -12.69 24.75
N THR A 49 1.36 -11.88 25.22
CA THR A 49 1.26 -11.32 26.57
C THR A 49 -0.03 -10.49 26.76
N VAL A 50 -0.57 -10.00 25.65
CA VAL A 50 -1.93 -9.47 25.57
C VAL A 50 -2.33 -9.54 24.11
N SER A 51 -3.63 -9.66 23.82
CA SER A 51 -4.06 -9.73 22.44
C SER A 51 -3.86 -8.39 21.73
N GLN A 52 -3.55 -8.43 20.44
CA GLN A 52 -3.47 -7.22 19.61
C GLN A 52 -4.07 -7.51 18.25
N MET A 53 -4.72 -6.51 17.67
CA MET A 53 -5.31 -6.67 16.36
C MET A 53 -4.31 -6.18 15.30
N VAL A 54 -4.00 -7.04 14.34
CA VAL A 54 -2.98 -6.72 13.35
C VAL A 54 -3.72 -6.59 12.01
N TYR A 55 -3.54 -5.47 11.31
CA TYR A 55 -4.08 -5.37 9.95
C TYR A 55 -3.28 -6.20 8.95
N LYS A 56 -3.98 -7.03 8.19
CA LYS A 56 -3.37 -7.85 7.15
C LYS A 56 -2.54 -7.03 6.16
N HIS A 57 -2.95 -5.77 5.91
CA HIS A 57 -2.20 -4.95 4.95
C HIS A 57 -0.76 -4.66 5.41
N ALA A 58 -0.50 -4.76 6.70
CA ALA A 58 0.84 -4.52 7.23
C ALA A 58 1.68 -5.81 7.37
N ILE A 59 1.09 -6.93 7.02
CA ILE A 59 1.79 -8.22 7.20
C ILE A 59 2.50 -8.64 5.92
N SER A 60 3.74 -9.12 6.02
CA SER A 60 4.36 -9.71 4.84
C SER A 60 4.13 -11.22 4.83
N THR A 61 4.44 -11.88 5.95
CA THR A 61 4.45 -13.33 5.99
C THR A 61 3.94 -13.90 7.34
N VAL A 62 3.46 -15.13 7.30
CA VAL A 62 3.00 -15.84 8.48
C VAL A 62 3.75 -17.16 8.45
N VAL A 63 4.56 -17.42 9.48
CA VAL A 63 5.42 -18.60 9.50
C VAL A 63 5.14 -19.42 10.76
N PRO A 64 4.51 -20.60 10.60
CA PRO A 64 4.28 -21.47 11.76
C PRO A 64 5.58 -22.02 12.32
N SER A 65 5.50 -22.50 13.56
CA SER A 65 6.67 -22.95 14.30
C SER A 65 6.95 -24.41 13.96
N ARG A 66 5.93 -25.11 13.48
CA ARG A 66 6.08 -26.50 13.05
C ARG A 66 5.30 -26.64 11.75
N PRO A 67 5.60 -27.68 10.96
CA PRO A 67 4.82 -27.91 9.74
C PRO A 67 3.34 -28.13 10.07
N VAL A 68 2.45 -27.61 9.24
CA VAL A 68 1.04 -27.85 9.44
C VAL A 68 0.40 -28.40 8.19
N ARG A 69 -0.76 -29.01 8.32
CA ARG A 69 -1.48 -29.47 7.14
C ARG A 69 -1.92 -28.29 6.27
N LEU A 70 -1.68 -28.39 4.96
CA LEU A 70 -2.03 -27.33 4.01
C LEU A 70 -3.38 -27.61 3.33
N PRO A 71 -4.05 -26.54 2.84
CA PRO A 71 -5.31 -26.71 2.10
C PRO A 71 -5.16 -27.48 0.79
N HIS B 5 -15.61 -7.84 8.43
CA HIS B 5 -15.63 -6.97 9.60
C HIS B 5 -16.11 -7.67 10.88
N SER B 6 -16.35 -8.97 10.79
CA SER B 6 -16.96 -9.72 11.88
C SER B 6 -16.10 -9.78 13.14
N LEU B 7 -14.81 -9.52 12.99
CA LEU B 7 -13.92 -9.42 14.13
C LEU B 7 -13.55 -7.96 14.42
N GLN B 8 -13.09 -7.28 13.38
CA GLN B 8 -12.62 -5.89 13.52
C GLN B 8 -13.66 -4.96 14.13
N ASP B 9 -14.91 -5.04 13.65
CA ASP B 9 -15.91 -4.09 14.12
C ASP B 9 -16.27 -4.30 15.60
N PRO B 10 -16.65 -5.53 16.01
CA PRO B 10 -16.94 -5.70 17.43
C PRO B 10 -15.73 -5.40 18.31
N TYR B 11 -14.54 -5.72 17.84
CA TYR B 11 -13.33 -5.42 18.59
C TYR B 11 -13.16 -3.91 18.80
N LEU B 12 -13.18 -3.14 17.72
CA LEU B 12 -13.05 -1.69 17.83
C LEU B 12 -14.22 -1.10 18.60
N ASN B 13 -15.42 -1.64 18.43
CA ASN B 13 -16.58 -1.10 19.15
C ASN B 13 -16.48 -1.30 20.66
N THR B 14 -15.92 -2.44 21.06
CA THR B 14 -15.72 -2.70 22.46
C THR B 14 -14.73 -1.73 23.05
N LEU B 15 -13.65 -1.47 22.34
CA LEU B 15 -12.65 -0.54 22.86
C LEU B 15 -13.25 0.86 22.97
N ARG B 16 -14.09 1.20 22.00
CA ARG B 16 -14.75 2.50 21.95
C ARG B 16 -15.73 2.66 23.13
N LYS B 17 -16.62 1.69 23.30
CA LYS B 17 -17.66 1.80 24.32
C LYS B 17 -17.10 1.78 25.74
N GLU B 18 -16.09 0.97 25.97
CA GLU B 18 -15.49 0.89 27.28
C GLU B 18 -14.36 1.91 27.49
N ARG B 19 -14.12 2.74 26.47
CA ARG B 19 -13.09 3.78 26.51
C ARG B 19 -11.71 3.28 26.96
N VAL B 20 -11.32 2.09 26.51
CA VAL B 20 -10.04 1.50 26.86
C VAL B 20 -8.85 2.26 26.29
N PRO B 21 -7.86 2.60 27.14
CA PRO B 21 -6.65 3.17 26.54
C PRO B 21 -6.02 2.17 25.57
N VAL B 22 -5.58 2.67 24.41
CA VAL B 22 -4.95 1.83 23.39
C VAL B 22 -3.67 2.46 22.87
N SER B 23 -2.82 1.64 22.26
CA SER B 23 -1.73 2.14 21.44
C SER B 23 -2.00 1.73 19.99
N ILE B 24 -1.84 2.67 19.06
CA ILE B 24 -1.96 2.35 17.64
C ILE B 24 -0.57 2.52 17.05
N TYR B 25 -0.03 1.47 16.44
CA TYR B 25 1.29 1.55 15.86
C TYR B 25 1.18 1.73 14.36
N LEU B 26 1.98 2.65 13.80
CA LEU B 26 1.94 2.98 12.39
C LEU B 26 3.00 2.19 11.64
N VAL B 27 2.93 2.17 10.32
CA VAL B 27 3.89 1.37 9.56
C VAL B 27 5.31 1.93 9.66
N ASN B 28 5.45 3.23 9.96
CA ASN B 28 6.80 3.78 10.12
C ASN B 28 7.38 3.57 11.53
N GLY B 29 6.59 2.95 12.40
CA GLY B 29 7.01 2.62 13.75
C GLY B 29 6.55 3.61 14.84
N ILE B 30 5.90 4.68 14.41
CA ILE B 30 5.33 5.66 15.34
C ILE B 30 4.24 5.02 16.18
N LYS B 31 4.28 5.30 17.49
CA LYS B 31 3.27 4.83 18.44
C LYS B 31 2.34 5.98 18.79
N LEU B 32 1.05 5.81 18.53
CA LEU B 32 0.04 6.79 18.92
C LEU B 32 -0.76 6.25 20.09
N GLN B 33 -1.11 7.11 21.04
CA GLN B 33 -1.82 6.65 22.23
C GLN B 33 -3.08 7.45 22.47
N GLY B 34 -4.14 6.77 22.91
CA GLY B 34 -5.36 7.45 23.28
C GLY B 34 -6.52 6.49 23.44
N GLN B 35 -7.70 6.92 23.05
CA GLN B 35 -8.84 6.02 23.04
C GLN B 35 -9.57 6.15 21.72
N ILE B 36 -10.22 5.07 21.30
CA ILE B 36 -11.00 5.06 20.10
C ILE B 36 -12.27 5.86 20.31
N GLU B 37 -12.38 7.01 19.66
CA GLU B 37 -13.59 7.84 19.80
CA GLU B 37 -13.58 7.84 19.80
C GLU B 37 -14.68 7.33 18.86
N SER B 38 -14.28 6.96 17.65
CA SER B 38 -15.16 6.35 16.67
C SER B 38 -14.31 5.86 15.50
N PHE B 39 -14.97 5.23 14.53
CA PHE B 39 -14.29 4.70 13.35
C PHE B 39 -15.33 4.45 12.27
N ASP B 40 -14.89 4.43 11.01
CA ASP B 40 -15.71 3.92 9.93
C ASP B 40 -14.93 2.86 9.13
N GLN B 41 -15.25 2.70 7.85
CA GLN B 41 -14.58 1.64 7.06
C GLN B 41 -13.09 1.91 6.91
N PHE B 42 -12.74 3.19 6.76
CA PHE B 42 -11.38 3.57 6.37
C PHE B 42 -10.53 4.27 7.45
N VAL B 43 -11.15 4.82 8.48
CA VAL B 43 -10.42 5.62 9.46
C VAL B 43 -10.83 5.38 10.89
N ILE B 44 -9.93 5.76 11.79
CA ILE B 44 -10.19 5.65 13.22
C ILE B 44 -10.00 7.06 13.81
N LEU B 45 -10.95 7.50 14.62
CA LEU B 45 -10.82 8.75 15.37
C LEU B 45 -10.24 8.46 16.75
N LEU B 46 -9.01 8.90 16.99
CA LEU B 46 -8.27 8.65 18.20
C LEU B 46 -8.22 9.93 19.05
N LYS B 47 -8.76 9.87 20.25
CA LYS B 47 -8.74 11.03 21.12
C LYS B 47 -7.59 11.00 22.14
N ASN B 48 -6.95 12.17 22.27
CA ASN B 48 -6.41 12.65 23.53
C ASN B 48 -6.35 14.18 23.74
N THR B 49 -5.29 14.84 23.26
CA THR B 49 -5.27 16.31 23.26
C THR B 49 -6.38 16.86 22.35
N VAL B 50 -6.29 16.53 21.07
CA VAL B 50 -7.41 16.68 20.14
C VAL B 50 -7.76 15.29 19.64
N SER B 51 -8.81 15.20 18.82
CA SER B 51 -9.19 13.95 18.18
C SER B 51 -8.66 13.93 16.77
N GLN B 52 -7.64 13.11 16.54
CA GLN B 52 -6.96 13.08 15.25
C GLN B 52 -7.51 11.92 14.44
N MET B 53 -7.49 12.07 13.13
CA MET B 53 -8.01 11.04 12.24
C MET B 53 -6.84 10.22 11.72
N VAL B 54 -6.91 8.91 11.97
CA VAL B 54 -5.84 8.01 11.57
C VAL B 54 -6.37 7.12 10.48
N TYR B 55 -5.70 7.08 9.32
CA TYR B 55 -6.12 6.20 8.22
C TYR B 55 -5.74 4.76 8.55
N LYS B 56 -6.70 3.83 8.53
CA LYS B 56 -6.35 2.43 8.76
C LYS B 56 -5.21 1.91 7.89
N HIS B 57 -5.05 2.42 6.67
CA HIS B 57 -4.02 1.85 5.76
C HIS B 57 -2.61 2.09 6.29
N ALA B 58 -2.46 3.07 7.17
CA ALA B 58 -1.18 3.37 7.82
C ALA B 58 -0.95 2.61 9.11
N ILE B 59 -1.94 1.87 9.60
CA ILE B 59 -1.81 1.24 10.91
C ILE B 59 -1.30 -0.16 10.75
N SER B 60 -0.34 -0.56 11.57
CA SER B 60 0.06 -1.98 11.56
C SER B 60 -0.74 -2.74 12.61
N THR B 61 -0.73 -2.24 13.85
CA THR B 61 -1.38 -2.96 14.92
C THR B 61 -2.03 -2.07 15.98
N VAL B 62 -3.11 -2.58 16.58
CA VAL B 62 -3.82 -1.89 17.65
C VAL B 62 -3.68 -2.74 18.90
N VAL B 63 -3.12 -2.16 19.95
CA VAL B 63 -2.81 -2.86 21.20
C VAL B 63 -3.48 -2.18 22.39
N PRO B 64 -4.47 -2.83 22.99
CA PRO B 64 -5.15 -2.29 24.18
C PRO B 64 -4.28 -2.32 25.45
N SER B 65 -4.48 -1.36 26.34
CA SER B 65 -3.71 -1.25 27.58
C SER B 65 -3.99 -2.39 28.58
N ARG B 66 -5.15 -3.01 28.43
CA ARG B 66 -5.55 -4.14 29.24
C ARG B 66 -6.33 -5.08 28.33
N PRO B 67 -6.42 -6.38 28.71
CA PRO B 67 -7.15 -7.33 27.86
C PRO B 67 -8.64 -7.04 27.88
N VAL B 68 -9.31 -7.39 26.78
CA VAL B 68 -10.72 -7.09 26.63
C VAL B 68 -11.43 -8.32 26.11
N ARG B 69 -12.75 -8.34 26.18
CA ARG B 69 -13.48 -9.49 25.65
C ARG B 69 -14.59 -9.12 24.66
N LEU B 70 -14.76 -9.98 23.66
CA LEU B 70 -15.74 -9.75 22.60
C LEU B 70 -17.08 -10.42 22.88
N HIS C 5 -6.93 0.54 -19.34
CA HIS C 5 -6.22 1.69 -18.80
C HIS C 5 -5.79 2.62 -19.94
N SER C 6 -6.52 3.73 -20.07
CA SER C 6 -6.43 4.63 -21.23
C SER C 6 -5.00 4.99 -21.62
N LEU C 7 -4.14 5.17 -20.62
CA LEU C 7 -2.77 5.58 -20.88
C LEU C 7 -1.77 4.45 -20.59
N GLN C 8 -1.90 3.86 -19.39
CA GLN C 8 -1.00 2.79 -18.97
C GLN C 8 -0.89 1.68 -20.01
N ASP C 9 -2.02 1.13 -20.45
CA ASP C 9 -2.01 -0.02 -21.36
C ASP C 9 -1.30 0.22 -22.71
N PRO C 10 -1.68 1.28 -23.45
CA PRO C 10 -0.96 1.52 -24.72
C PRO C 10 0.53 1.84 -24.51
N TYR C 11 0.87 2.49 -23.41
CA TYR C 11 2.27 2.81 -23.11
C TYR C 11 3.09 1.53 -22.88
N LEU C 12 2.59 0.64 -22.04
CA LEU C 12 3.30 -0.61 -21.79
C LEU C 12 3.35 -1.47 -23.06
N ASN C 13 2.26 -1.46 -23.81
CA ASN C 13 2.17 -2.25 -25.03
C ASN C 13 3.15 -1.79 -26.10
N THR C 14 3.40 -0.49 -26.16
CA THR C 14 4.36 0.05 -27.11
C THR C 14 5.81 -0.29 -26.75
N LEU C 15 6.15 -0.17 -25.46
CA LEU C 15 7.46 -0.60 -24.98
C LEU C 15 7.68 -2.09 -25.31
N ARG C 16 6.62 -2.87 -25.15
CA ARG C 16 6.68 -4.30 -25.41
C ARG C 16 6.91 -4.58 -26.88
N LYS C 17 6.00 -4.09 -27.71
CA LYS C 17 6.06 -4.34 -29.15
C LYS C 17 7.35 -3.84 -29.79
N GLU C 18 7.91 -2.77 -29.26
CA GLU C 18 9.08 -2.15 -29.86
C GLU C 18 10.38 -2.50 -29.14
N ARG C 19 10.29 -3.44 -28.18
CA ARG C 19 11.46 -3.96 -27.46
C ARG C 19 12.29 -2.83 -26.86
N VAL C 20 11.60 -1.85 -26.28
CA VAL C 20 12.32 -0.69 -25.76
C VAL C 20 12.96 -1.01 -24.43
N PRO C 21 14.27 -0.76 -24.33
CA PRO C 21 14.93 -0.96 -23.04
C PRO C 21 14.33 0.00 -22.01
N VAL C 22 13.99 -0.53 -20.84
CA VAL C 22 13.38 0.31 -19.80
C VAL C 22 14.13 0.17 -18.47
N SER C 23 13.94 1.16 -17.60
CA SER C 23 14.34 1.04 -16.21
C SER C 23 13.09 1.12 -15.38
N ILE C 24 12.98 0.22 -14.41
CA ILE C 24 11.81 0.18 -13.54
C ILE C 24 12.30 0.40 -12.13
N TYR C 25 11.82 1.47 -11.50
CA TYR C 25 12.15 1.76 -10.11
C TYR C 25 11.06 1.26 -9.16
N LEU C 26 11.49 0.55 -8.12
CA LEU C 26 10.57 0.04 -7.11
C LEU C 26 10.41 1.06 -5.97
N VAL C 27 9.31 0.95 -5.23
CA VAL C 27 9.04 1.91 -4.15
C VAL C 27 10.16 2.02 -3.11
N ASN C 28 10.94 0.95 -2.96
CA ASN C 28 12.08 0.95 -2.03
C ASN C 28 13.38 1.49 -2.63
N GLY C 29 13.32 1.94 -3.87
CA GLY C 29 14.45 2.61 -4.51
C GLY C 29 15.33 1.70 -5.36
N ILE C 30 15.04 0.41 -5.36
CA ILE C 30 15.75 -0.55 -6.19
C ILE C 30 15.47 -0.27 -7.67
N LYS C 31 16.50 -0.29 -8.52
CA LYS C 31 16.30 -0.21 -9.97
C LYS C 31 16.39 -1.56 -10.68
N LEU C 32 15.34 -1.94 -11.41
CA LEU C 32 15.39 -3.10 -12.28
C LEU C 32 15.56 -2.65 -13.74
N GLN C 33 16.18 -3.48 -14.56
CA GLN C 33 16.38 -3.11 -15.97
C GLN C 33 16.09 -4.25 -16.91
N GLY C 34 15.62 -3.91 -18.10
CA GLY C 34 15.38 -4.94 -19.10
C GLY C 34 14.35 -4.48 -20.09
N GLN C 35 13.58 -5.44 -20.59
CA GLN C 35 12.52 -5.13 -21.53
C GLN C 35 11.24 -5.82 -21.10
N ILE C 36 10.11 -5.18 -21.39
CA ILE C 36 8.81 -5.71 -21.06
C ILE C 36 8.50 -6.82 -22.01
N GLU C 37 8.41 -8.05 -21.49
CA GLU C 37 8.10 -9.20 -22.32
C GLU C 37 6.60 -9.36 -22.41
N SER C 38 5.92 -9.07 -21.30
CA SER C 38 4.48 -9.21 -21.23
C SER C 38 3.98 -8.54 -19.93
N PHE C 39 2.66 -8.36 -19.85
CA PHE C 39 2.05 -7.70 -18.72
C PHE C 39 0.55 -7.97 -18.67
N ASP C 40 -0.02 -7.88 -17.48
CA ASP C 40 -1.47 -7.91 -17.31
C ASP C 40 -1.84 -6.82 -16.33
N GLN C 41 -3.04 -6.90 -15.76
CA GLN C 41 -3.54 -5.88 -14.84
C GLN C 41 -2.63 -5.64 -13.63
N PHE C 42 -2.03 -6.71 -13.12
CA PHE C 42 -1.31 -6.65 -11.84
C PHE C 42 0.21 -6.78 -11.89
N VAL C 43 0.74 -7.38 -12.95
CA VAL C 43 2.17 -7.63 -13.02
C VAL C 43 2.76 -7.28 -14.37
N ILE C 44 4.07 -7.11 -14.38
CA ILE C 44 4.87 -6.96 -15.61
C ILE C 44 5.92 -8.08 -15.64
N LEU C 45 6.07 -8.74 -16.78
CA LEU C 45 7.12 -9.73 -16.90
C LEU C 45 8.29 -9.05 -17.58
N LEU C 46 9.37 -8.95 -16.82
CA LEU C 46 10.56 -8.26 -17.28
C LEU C 46 11.61 -9.29 -17.70
N LYS C 47 12.33 -8.98 -18.76
CA LYS C 47 13.37 -9.87 -19.27
C LYS C 47 14.66 -9.13 -19.59
N ASN C 48 15.72 -9.92 -19.82
CA ASN C 48 17.12 -9.56 -20.14
C ASN C 48 18.11 -10.34 -19.25
N THR C 49 18.52 -11.52 -19.73
CA THR C 49 19.28 -12.52 -18.96
C THR C 49 18.47 -13.16 -17.82
N VAL C 50 17.82 -12.33 -17.02
CA VAL C 50 16.94 -12.80 -15.96
C VAL C 50 15.50 -12.37 -16.19
N SER C 51 14.63 -13.35 -16.43
CA SER C 51 13.21 -13.09 -16.47
C SER C 51 12.65 -13.03 -15.06
N GLN C 52 11.84 -12.02 -14.77
CA GLN C 52 11.22 -11.93 -13.46
C GLN C 52 9.85 -11.30 -13.58
N MET C 53 8.95 -11.69 -12.68
CA MET C 53 7.60 -11.14 -12.64
C MET C 53 7.59 -10.04 -11.59
N VAL C 54 7.24 -8.81 -12.00
CA VAL C 54 7.23 -7.69 -11.06
C VAL C 54 5.78 -7.26 -10.81
N TYR C 55 5.41 -7.13 -9.53
CA TYR C 55 4.09 -6.66 -9.13
C TYR C 55 4.01 -5.14 -9.31
N LYS C 56 3.04 -4.69 -10.08
CA LYS C 56 2.85 -3.27 -10.28
C LYS C 56 2.73 -2.47 -8.98
N HIS C 57 2.16 -3.06 -7.92
CA HIS C 57 2.03 -2.35 -6.62
C HIS C 57 3.34 -1.88 -5.99
N ALA C 58 4.44 -2.56 -6.35
CA ALA C 58 5.77 -2.24 -5.86
C ALA C 58 6.53 -1.31 -6.81
N ILE C 59 5.93 -0.95 -7.93
CA ILE C 59 6.63 -0.10 -8.89
C ILE C 59 6.28 1.37 -8.63
N SER C 60 7.29 2.24 -8.60
CA SER C 60 7.06 3.70 -8.57
C SER C 60 7.05 4.30 -9.98
N THR C 61 8.06 3.97 -10.79
CA THR C 61 8.13 4.56 -12.12
C THR C 61 8.74 3.62 -13.17
N VAL C 62 8.27 3.78 -14.40
CA VAL C 62 8.82 3.09 -15.56
C VAL C 62 9.46 4.15 -16.48
N VAL C 63 10.76 4.01 -16.71
CA VAL C 63 11.52 5.03 -17.44
C VAL C 63 12.17 4.41 -18.68
N PRO C 64 11.59 4.66 -19.86
CA PRO C 64 12.15 4.10 -21.10
C PRO C 64 13.46 4.79 -21.45
N SER C 65 14.30 4.08 -22.18
CA SER C 65 15.62 4.57 -22.58
C SER C 65 15.55 5.59 -23.74
N ARG C 66 14.41 5.65 -24.40
CA ARG C 66 14.11 6.67 -25.41
C ARG C 66 12.61 6.90 -25.40
N PRO C 67 12.16 8.13 -25.72
CA PRO C 67 10.74 8.46 -25.63
C PRO C 67 9.91 7.54 -26.51
N VAL C 68 8.69 7.25 -26.08
CA VAL C 68 7.74 6.57 -26.95
C VAL C 68 6.61 7.49 -27.37
N ARG C 69 6.00 7.17 -28.49
CA ARG C 69 4.81 7.91 -28.90
C ARG C 69 3.65 6.95 -28.98
N LEU C 70 2.50 7.41 -28.52
CA LEU C 70 1.30 6.58 -28.46
C LEU C 70 0.32 6.88 -29.59
N HIS D 5 -17.53 6.22 4.73
CA HIS D 5 -17.21 7.64 4.87
C HIS D 5 -18.05 8.33 5.93
N SER D 6 -18.77 7.54 6.73
CA SER D 6 -19.64 8.05 7.77
C SER D 6 -18.92 8.98 8.76
N LEU D 7 -17.60 8.89 8.82
CA LEU D 7 -16.83 9.69 9.75
C LEU D 7 -15.76 10.54 9.08
N GLN D 8 -15.04 9.94 8.13
CA GLN D 8 -14.00 10.67 7.39
C GLN D 8 -14.54 11.96 6.73
N ASP D 9 -15.59 11.82 5.92
CA ASP D 9 -16.16 12.98 5.21
C ASP D 9 -16.60 14.13 6.15
N PRO D 10 -17.46 13.85 7.14
CA PRO D 10 -17.86 14.96 8.02
C PRO D 10 -16.69 15.57 8.78
N TYR D 11 -15.72 14.76 9.15
CA TYR D 11 -14.57 15.27 9.89
C TYR D 11 -13.74 16.22 9.02
N LEU D 12 -13.37 15.77 7.83
CA LEU D 12 -12.61 16.58 6.87
C LEU D 12 -13.41 17.81 6.46
N ASN D 13 -14.72 17.65 6.31
CA ASN D 13 -15.57 18.77 5.92
C ASN D 13 -15.68 19.82 7.02
N THR D 14 -15.71 19.38 8.28
CA THR D 14 -15.72 20.32 9.38
C THR D 14 -14.42 21.11 9.40
N LEU D 15 -13.31 20.41 9.27
CA LEU D 15 -11.99 21.05 9.17
C LEU D 15 -11.91 22.03 8.01
N ARG D 16 -12.44 21.63 6.85
CA ARG D 16 -12.49 22.51 5.70
C ARG D 16 -13.30 23.79 5.97
N LYS D 17 -14.53 23.61 6.44
CA LYS D 17 -15.44 24.74 6.67
C LYS D 17 -14.96 25.70 7.73
N GLU D 18 -14.41 25.17 8.81
CA GLU D 18 -13.93 26.01 9.91
C GLU D 18 -12.55 26.61 9.63
N ARG D 19 -11.96 26.25 8.49
CA ARG D 19 -10.61 26.71 8.12
C ARG D 19 -9.57 26.45 9.22
N VAL D 20 -9.71 25.33 9.92
CA VAL D 20 -8.76 24.95 10.97
C VAL D 20 -7.41 24.52 10.39
N PRO D 21 -6.33 25.18 10.82
CA PRO D 21 -5.00 24.70 10.42
C PRO D 21 -4.77 23.26 10.91
N VAL D 22 -4.12 22.47 10.08
CA VAL D 22 -3.92 21.06 10.39
C VAL D 22 -2.50 20.66 10.13
N SER D 23 -2.07 19.56 10.74
CA SER D 23 -0.86 18.91 10.32
C SER D 23 -1.28 17.62 9.62
N ILE D 24 -0.68 17.35 8.47
CA ILE D 24 -0.92 16.07 7.79
C ILE D 24 0.40 15.34 7.77
N TYR D 25 0.40 14.13 8.34
CA TYR D 25 1.60 13.32 8.52
C TYR D 25 1.57 12.25 7.46
N LEU D 26 2.69 12.10 6.76
CA LEU D 26 2.76 11.11 5.71
C LEU D 26 3.34 9.82 6.29
N VAL D 27 3.06 8.71 5.60
CA VAL D 27 3.52 7.40 6.07
C VAL D 27 5.05 7.30 6.17
N ASN D 28 5.78 8.14 5.44
CA ASN D 28 7.25 8.19 5.57
C ASN D 28 7.82 9.16 6.63
N GLY D 29 6.96 9.69 7.47
CA GLY D 29 7.42 10.56 8.53
C GLY D 29 7.43 12.05 8.22
N ILE D 30 7.14 12.41 6.97
CA ILE D 30 7.08 13.81 6.58
C ILE D 30 5.83 14.49 7.14
N LYS D 31 5.99 15.73 7.59
CA LYS D 31 4.87 16.50 8.11
C LYS D 31 4.46 17.66 7.20
N LEU D 32 3.21 17.67 6.78
CA LEU D 32 2.69 18.80 6.01
C LEU D 32 1.77 19.62 6.88
N GLN D 33 1.65 20.90 6.54
CA GLN D 33 0.82 21.85 7.29
C GLN D 33 0.04 22.79 6.36
N GLY D 34 -1.17 23.13 6.78
CA GLY D 34 -1.95 24.13 6.07
C GLY D 34 -3.41 24.01 6.42
N GLN D 35 -4.26 24.50 5.52
CA GLN D 35 -5.69 24.40 5.69
C GLN D 35 -6.21 23.53 4.57
N ILE D 36 -7.25 22.75 4.85
CA ILE D 36 -7.93 21.95 3.85
C ILE D 36 -8.86 22.78 2.96
N GLU D 37 -8.49 22.93 1.69
CA GLU D 37 -9.33 23.69 0.77
C GLU D 37 -10.45 22.86 0.21
N SER D 38 -10.13 21.60 -0.09
CA SER D 38 -11.12 20.66 -0.58
C SER D 38 -10.57 19.25 -0.57
N PHE D 39 -11.43 18.30 -0.87
CA PHE D 39 -11.03 16.91 -0.85
C PHE D 39 -11.99 16.11 -1.68
N ASP D 40 -11.56 14.92 -2.09
CA ASP D 40 -12.50 13.99 -2.69
C ASP D 40 -12.23 12.59 -2.16
N GLN D 41 -12.68 11.58 -2.89
CA GLN D 41 -12.48 10.20 -2.49
C GLN D 41 -11.00 9.84 -2.32
N PHE D 42 -10.14 10.44 -3.14
CA PHE D 42 -8.74 10.02 -3.17
C PHE D 42 -7.71 11.06 -2.79
N VAL D 43 -8.08 12.34 -2.82
CA VAL D 43 -7.10 13.39 -2.54
C VAL D 43 -7.61 14.44 -1.57
N ILE D 44 -6.65 15.15 -0.97
CA ILE D 44 -6.90 16.30 -0.13
C ILE D 44 -6.06 17.44 -0.68
N LEU D 45 -6.68 18.58 -0.94
CA LEU D 45 -5.96 19.77 -1.39
C LEU D 45 -5.60 20.63 -0.19
N LEU D 46 -4.32 20.81 0.03
CA LEU D 46 -3.82 21.49 1.21
C LEU D 46 -3.21 22.83 0.80
N LYS D 47 -3.72 23.91 1.40
CA LYS D 47 -3.32 25.26 1.03
C LYS D 47 -2.46 25.92 2.09
N ASN D 48 -1.47 26.68 1.62
CA ASN D 48 -0.61 27.58 2.41
C ASN D 48 0.60 27.98 1.59
N THR D 49 0.38 28.79 0.55
CA THR D 49 1.37 29.36 -0.42
C THR D 49 0.93 29.06 -1.85
N VAL D 50 1.29 27.88 -2.34
CA VAL D 50 0.56 27.27 -3.44
C VAL D 50 -0.14 26.07 -2.83
N SER D 51 -1.28 25.70 -3.37
CA SER D 51 -1.96 24.50 -2.88
C SER D 51 -1.13 23.30 -3.31
N GLN D 52 -1.27 22.21 -2.58
CA GLN D 52 -0.67 20.96 -3.05
C GLN D 52 -1.68 19.87 -2.94
N MET D 53 -1.59 18.89 -3.83
CA MET D 53 -2.58 17.84 -3.83
C MET D 53 -1.91 16.68 -3.12
N VAL D 54 -2.56 16.18 -2.07
CA VAL D 54 -2.04 15.07 -1.26
C VAL D 54 -2.88 13.80 -1.44
N TYR D 55 -2.23 12.71 -1.85
CA TYR D 55 -2.91 11.44 -2.01
C TYR D 55 -3.15 10.84 -0.64
N LYS D 56 -4.41 10.51 -0.36
CA LYS D 56 -4.80 9.89 0.91
C LYS D 56 -3.97 8.63 1.23
N HIS D 57 -3.57 7.88 0.20
CA HIS D 57 -2.92 6.59 0.44
C HIS D 57 -1.56 6.80 1.10
N ALA D 58 -1.05 8.02 0.98
CA ALA D 58 0.24 8.36 1.56
C ALA D 58 0.10 9.00 2.95
N ILE D 59 -1.13 9.30 3.36
CA ILE D 59 -1.35 9.93 4.67
C ILE D 59 -1.51 8.91 5.80
N SER D 60 -0.82 9.16 6.92
CA SER D 60 -1.09 8.42 8.15
C SER D 60 -2.16 9.12 9.01
N THR D 61 -1.98 10.40 9.30
CA THR D 61 -2.93 11.08 10.20
C THR D 61 -3.21 12.49 9.74
N VAL D 62 -4.38 12.97 10.14
CA VAL D 62 -4.79 14.37 10.04
C VAL D 62 -5.06 14.85 11.48
N VAL D 63 -4.25 15.82 11.93
CA VAL D 63 -4.28 16.37 13.27
C VAL D 63 -4.61 17.88 13.26
N PRO D 64 -5.79 18.26 13.76
CA PRO D 64 -6.25 19.66 13.86
C PRO D 64 -5.44 20.42 14.91
N SER D 65 -5.17 21.69 14.67
CA SER D 65 -4.32 22.45 15.57
C SER D 65 -5.10 22.86 16.81
N ARG D 66 -6.42 22.69 16.75
CA ARG D 66 -7.29 22.93 17.90
C ARG D 66 -8.47 21.97 17.80
N PRO D 67 -9.08 21.60 18.93
CA PRO D 67 -10.20 20.66 18.89
C PRO D 67 -11.41 21.17 18.10
N VAL D 68 -12.12 20.24 17.46
CA VAL D 68 -13.34 20.53 16.70
C VAL D 68 -14.39 19.48 17.06
N ARG D 69 -15.61 19.66 16.57
CA ARG D 69 -16.67 18.70 16.84
C ARG D 69 -17.03 17.90 15.59
N GLY E 4 -7.39 -12.03 -10.66
CA GLY E 4 -6.56 -11.96 -11.86
C GLY E 4 -5.23 -12.69 -11.70
N HIS E 5 -4.53 -12.98 -12.79
CA HIS E 5 -4.88 -12.53 -14.14
C HIS E 5 -4.18 -13.42 -15.22
N SER E 6 -4.19 -12.96 -16.46
CA SER E 6 -3.80 -13.74 -17.64
C SER E 6 -2.31 -14.09 -17.74
N LEU E 7 -1.46 -13.29 -17.11
CA LEU E 7 -0.04 -13.59 -17.12
C LEU E 7 0.42 -14.16 -15.76
N GLN E 8 0.12 -13.43 -14.69
CA GLN E 8 0.49 -13.83 -13.34
C GLN E 8 0.14 -15.30 -13.01
N ASP E 9 -1.11 -15.68 -13.26
CA ASP E 9 -1.57 -17.04 -12.91
C ASP E 9 -0.85 -18.16 -13.65
N PRO E 10 -0.76 -18.09 -15.00
CA PRO E 10 -0.04 -19.17 -15.68
C PRO E 10 1.43 -19.11 -15.30
N TYR E 11 1.93 -17.93 -14.97
CA TYR E 11 3.33 -17.82 -14.58
C TYR E 11 3.57 -18.52 -13.23
N LEU E 12 2.79 -18.16 -12.22
CA LEU E 12 2.89 -18.81 -10.92
C LEU E 12 2.56 -20.31 -11.02
N ASN E 13 1.55 -20.63 -11.82
CA ASN E 13 1.14 -22.02 -11.95
C ASN E 13 2.22 -22.89 -12.60
N THR E 14 2.93 -22.33 -13.57
CA THR E 14 4.05 -23.04 -14.19
C THR E 14 5.16 -23.28 -13.17
N LEU E 15 5.48 -22.28 -12.36
CA LEU E 15 6.53 -22.42 -11.35
C LEU E 15 6.16 -23.48 -10.31
N ARG E 16 4.87 -23.54 -10.00
CA ARG E 16 4.33 -24.48 -9.03
C ARG E 16 4.47 -25.92 -9.59
N LYS E 17 3.84 -26.18 -10.73
CA LYS E 17 3.91 -27.48 -11.41
C LYS E 17 5.34 -28.01 -11.61
N GLU E 18 6.23 -27.14 -12.09
CA GLU E 18 7.59 -27.55 -12.40
C GLU E 18 8.51 -27.54 -11.19
N ARG E 19 7.97 -27.12 -10.04
CA ARG E 19 8.71 -27.08 -8.79
CA ARG E 19 8.72 -27.10 -8.79
C ARG E 19 10.03 -26.34 -8.92
N VAL E 20 10.01 -25.25 -9.68
CA VAL E 20 11.19 -24.43 -9.85
C VAL E 20 11.50 -23.65 -8.58
N PRO E 21 12.73 -23.77 -8.07
CA PRO E 21 13.09 -22.94 -6.93
C PRO E 21 13.02 -21.46 -7.31
N VAL E 22 12.44 -20.65 -6.43
CA VAL E 22 12.32 -19.21 -6.72
C VAL E 22 12.88 -18.37 -5.61
N SER E 23 13.19 -17.12 -5.94
CA SER E 23 13.45 -16.10 -4.95
C SER E 23 12.28 -15.12 -4.99
N ILE E 24 11.71 -14.80 -3.84
CA ILE E 24 10.66 -13.77 -3.75
C ILE E 24 11.20 -12.59 -2.96
N TYR E 25 11.26 -11.42 -3.58
CA TYR E 25 11.75 -10.25 -2.87
C TYR E 25 10.58 -9.48 -2.30
N LEU E 26 10.71 -9.08 -1.04
CA LEU E 26 9.70 -8.30 -0.35
C LEU E 26 9.95 -6.82 -0.56
N VAL E 27 8.95 -5.98 -0.35
CA VAL E 27 9.14 -4.52 -0.54
C VAL E 27 10.22 -3.92 0.37
N ASN E 28 10.43 -4.53 1.54
CA ASN E 28 11.47 -4.06 2.46
C ASN E 28 12.87 -4.59 2.13
N GLY E 29 13.01 -5.30 1.02
CA GLY E 29 14.32 -5.80 0.61
C GLY E 29 14.70 -7.21 1.06
N ILE E 30 13.88 -7.82 1.90
CA ILE E 30 14.18 -9.19 2.33
C ILE E 30 13.95 -10.19 1.18
N LYS E 31 14.81 -11.20 1.07
CA LYS E 31 14.64 -12.22 0.05
C LYS E 31 14.20 -13.56 0.66
N LEU E 32 13.10 -14.11 0.15
CA LEU E 32 12.62 -15.42 0.59
C LEU E 32 12.95 -16.42 -0.52
N GLN E 33 13.21 -17.66 -0.16
CA GLN E 33 13.48 -18.68 -1.15
C GLN E 33 12.70 -19.94 -0.87
N GLY E 34 12.37 -20.66 -1.93
CA GLY E 34 11.69 -21.92 -1.78
C GLY E 34 11.06 -22.32 -3.08
N GLN E 35 10.03 -23.16 -2.98
CA GLN E 35 9.25 -23.54 -4.13
C GLN E 35 7.84 -23.14 -3.81
N ILE E 36 7.12 -22.72 -4.83
CA ILE E 36 5.74 -22.35 -4.65
C ILE E 36 4.87 -23.59 -4.56
N GLU E 37 4.19 -23.74 -3.43
CA GLU E 37 3.36 -24.91 -3.18
C GLU E 37 1.96 -24.66 -3.70
N SER E 38 1.48 -23.44 -3.53
CA SER E 38 0.10 -23.10 -3.88
C SER E 38 -0.06 -21.58 -3.89
N PHE E 39 -1.18 -21.08 -4.44
CA PHE E 39 -1.47 -19.64 -4.33
C PHE E 39 -2.94 -19.35 -4.58
N ASP E 40 -3.40 -18.17 -4.15
CA ASP E 40 -4.74 -17.72 -4.46
C ASP E 40 -4.67 -16.26 -4.88
N GLN E 41 -5.79 -15.55 -4.88
CA GLN E 41 -5.78 -14.14 -5.31
C GLN E 41 -4.82 -13.28 -4.48
N PHE E 42 -4.63 -13.64 -3.21
CA PHE E 42 -3.96 -12.74 -2.29
C PHE E 42 -2.66 -13.23 -1.71
N VAL E 43 -2.46 -14.55 -1.69
CA VAL E 43 -1.28 -15.08 -1.02
C VAL E 43 -0.58 -16.12 -1.86
N ILE E 44 0.68 -16.37 -1.50
CA ILE E 44 1.46 -17.42 -2.10
C ILE E 44 1.99 -18.26 -0.93
N LEU E 45 1.82 -19.57 -1.02
CA LEU E 45 2.39 -20.46 -0.02
C LEU E 45 3.75 -20.97 -0.52
N LEU E 46 4.79 -20.66 0.21
CA LEU E 46 6.16 -20.93 -0.19
C LEU E 46 6.74 -22.06 0.65
N LYS E 47 6.94 -23.21 0.00
CA LYS E 47 7.23 -24.45 0.68
C LYS E 47 8.70 -24.70 0.89
N ASN E 48 9.00 -25.16 2.10
N ASN E 48 9.04 -25.15 2.11
CA ASN E 48 10.31 -25.55 2.54
CA ASN E 48 10.17 -26.06 2.37
C ASN E 48 10.15 -26.48 3.74
C ASN E 48 10.16 -26.69 3.79
N THR E 49 11.05 -26.25 4.68
CA THR E 49 11.07 -26.85 6.02
C THR E 49 9.69 -26.72 6.67
N VAL E 50 9.28 -25.49 6.95
CA VAL E 50 7.87 -25.20 7.09
C VAL E 50 7.48 -24.32 5.90
N SER E 51 6.23 -24.41 5.49
CA SER E 51 5.77 -23.49 4.48
C SER E 51 5.58 -22.12 5.11
N GLN E 52 5.50 -21.08 4.29
CA GLN E 52 5.15 -19.79 4.86
C GLN E 52 4.14 -19.15 3.95
N MET E 53 3.21 -18.40 4.54
CA MET E 53 2.20 -17.74 3.74
C MET E 53 2.68 -16.33 3.49
N VAL E 54 2.87 -15.99 2.21
CA VAL E 54 3.32 -14.67 1.83
C VAL E 54 2.17 -13.89 1.18
N TYR E 55 1.92 -12.70 1.70
CA TYR E 55 0.90 -11.82 1.14
C TYR E 55 1.45 -11.11 -0.11
N LYS E 56 0.71 -11.23 -1.21
CA LYS E 56 1.15 -10.66 -2.49
C LYS E 56 1.44 -9.16 -2.34
N HIS E 57 0.70 -8.48 -1.47
CA HIS E 57 0.87 -7.02 -1.33
C HIS E 57 2.26 -6.67 -0.81
N ALA E 58 2.94 -7.63 -0.19
CA ALA E 58 4.27 -7.41 0.35
C ALA E 58 5.40 -7.77 -0.63
N ILE E 59 5.02 -8.32 -1.78
CA ILE E 59 5.99 -8.82 -2.74
C ILE E 59 6.34 -7.79 -3.81
N SER E 60 7.63 -7.61 -4.11
CA SER E 60 7.98 -6.81 -5.29
C SER E 60 8.22 -7.67 -6.53
N THR E 61 9.01 -8.74 -6.40
CA THR E 61 9.35 -9.52 -7.59
C THR E 61 9.41 -10.99 -7.24
N VAL E 62 9.09 -11.83 -8.22
CA VAL E 62 9.35 -13.26 -8.14
C VAL E 62 10.36 -13.58 -9.22
N VAL E 63 11.44 -14.25 -8.83
CA VAL E 63 12.58 -14.45 -9.71
C VAL E 63 12.92 -15.94 -9.76
N PRO E 64 12.49 -16.66 -10.82
CA PRO E 64 12.80 -18.10 -10.94
C PRO E 64 14.30 -18.39 -11.04
N SER E 65 14.75 -19.52 -10.49
CA SER E 65 16.16 -19.86 -10.52
C SER E 65 16.58 -20.30 -11.91
N ARG E 66 15.61 -20.71 -12.71
CA ARG E 66 15.87 -21.03 -14.11
C ARG E 66 14.75 -20.51 -15.00
N PRO E 67 15.13 -20.09 -16.22
CA PRO E 67 14.14 -19.64 -17.21
C PRO E 67 13.03 -20.66 -17.39
N VAL E 68 11.80 -20.17 -17.49
CA VAL E 68 10.64 -21.02 -17.67
C VAL E 68 9.78 -20.48 -18.82
N ARG E 69 8.82 -21.27 -19.28
CA ARG E 69 7.99 -20.86 -20.41
C ARG E 69 6.56 -21.37 -20.31
N GLY F 4 -12.19 8.09 -11.07
CA GLY F 4 -12.24 9.18 -10.12
C GLY F 4 -10.98 10.02 -10.09
N HIS F 5 -11.08 11.25 -9.57
CA HIS F 5 -12.29 11.74 -8.91
C HIS F 5 -12.57 13.22 -9.22
N SER F 6 -13.58 13.78 -8.55
CA SER F 6 -14.13 15.08 -8.92
C SER F 6 -13.16 16.25 -8.73
N LEU F 7 -12.22 16.11 -7.80
CA LEU F 7 -11.22 17.13 -7.58
C LEU F 7 -9.93 16.81 -8.34
N GLN F 8 -9.49 15.56 -8.28
CA GLN F 8 -8.17 15.18 -8.78
C GLN F 8 -7.98 15.40 -10.28
N ASP F 9 -8.97 14.98 -11.07
CA ASP F 9 -8.85 15.05 -12.53
C ASP F 9 -8.82 16.48 -13.10
N PRO F 10 -9.75 17.35 -12.68
CA PRO F 10 -9.64 18.71 -13.21
C PRO F 10 -8.38 19.41 -12.75
N TYR F 11 -7.89 19.10 -11.55
CA TYR F 11 -6.64 19.68 -11.06
C TYR F 11 -5.46 19.20 -11.92
N LEU F 12 -5.35 17.88 -12.12
CA LEU F 12 -4.30 17.38 -13.03
C LEU F 12 -4.48 17.89 -14.47
N ASN F 13 -5.72 18.00 -14.93
CA ASN F 13 -5.96 18.46 -16.29
C ASN F 13 -5.58 19.93 -16.48
N THR F 14 -5.78 20.73 -15.44
CA THR F 14 -5.37 22.13 -15.47
C THR F 14 -3.84 22.25 -15.55
N LEU F 15 -3.14 21.45 -14.74
CA LEU F 15 -1.68 21.43 -14.81
C LEU F 15 -1.24 20.95 -16.20
N ARG F 16 -1.93 19.95 -16.72
CA ARG F 16 -1.62 19.43 -18.06
C ARG F 16 -1.78 20.52 -19.13
N LYS F 17 -3.02 21.02 -19.30
CA LYS F 17 -3.32 22.02 -20.33
C LYS F 17 -2.46 23.28 -20.23
N GLU F 18 -2.20 23.76 -19.02
CA GLU F 18 -1.42 25.01 -18.88
C GLU F 18 0.07 24.79 -18.85
N ARG F 19 0.51 23.53 -18.99
CA ARG F 19 1.94 23.21 -18.95
C ARG F 19 2.63 23.75 -17.72
N VAL F 20 1.94 23.69 -16.58
CA VAL F 20 2.52 24.12 -15.31
C VAL F 20 3.53 23.09 -14.81
N PRO F 21 4.77 23.52 -14.57
CA PRO F 21 5.82 22.68 -13.99
C PRO F 21 5.50 22.32 -12.54
N VAL F 22 5.71 21.05 -12.22
CA VAL F 22 5.30 20.51 -10.94
C VAL F 22 6.41 19.71 -10.29
N SER F 23 6.30 19.55 -8.99
CA SER F 23 7.14 18.62 -8.27
C SER F 23 6.27 17.44 -7.86
N ILE F 24 6.73 16.24 -8.14
CA ILE F 24 5.97 15.09 -7.68
C ILE F 24 6.83 14.36 -6.68
N TYR F 25 6.32 14.24 -5.46
CA TYR F 25 7.06 13.58 -4.38
C TYR F 25 6.58 12.15 -4.25
N LEU F 26 7.53 11.21 -4.21
CA LEU F 26 7.17 9.81 -4.06
C LEU F 26 7.18 9.38 -2.57
N VAL F 27 6.49 8.29 -2.27
CA VAL F 27 6.37 7.81 -0.89
C VAL F 27 7.71 7.57 -0.19
N ASN F 28 8.76 7.33 -0.98
CA ASN F 28 10.09 7.12 -0.42
C ASN F 28 10.98 8.38 -0.39
N GLY F 29 10.38 9.52 -0.62
CA GLY F 29 11.13 10.78 -0.50
C GLY F 29 11.78 11.26 -1.77
N ILE F 30 11.65 10.49 -2.85
CA ILE F 30 12.20 10.94 -4.14
C ILE F 30 11.35 12.05 -4.76
N LYS F 31 12.01 13.10 -5.20
CA LYS F 31 11.35 14.21 -5.86
C LYS F 31 11.55 14.12 -7.39
N LEU F 32 10.45 14.06 -8.14
CA LEU F 32 10.50 14.14 -9.59
C LEU F 32 10.04 15.54 -9.99
N GLN F 33 10.53 16.03 -11.12
CA GLN F 33 10.13 17.35 -11.63
C GLN F 33 9.91 17.33 -13.13
N GLY F 34 8.82 17.96 -13.58
CA GLY F 34 8.56 18.10 -15.00
C GLY F 34 7.21 18.74 -15.25
N GLN F 35 6.63 18.42 -16.40
CA GLN F 35 5.25 18.78 -16.69
C GLN F 35 4.42 17.52 -16.93
N ILE F 36 3.15 17.55 -16.53
CA ILE F 36 2.24 16.46 -16.81
C ILE F 36 1.92 16.50 -18.30
N GLU F 37 2.22 15.41 -19.00
CA GLU F 37 1.92 15.30 -20.42
C GLU F 37 0.57 14.63 -20.56
N SER F 38 0.28 13.69 -19.67
CA SER F 38 -0.96 12.92 -19.72
C SER F 38 -1.14 12.15 -18.42
N PHE F 39 -2.34 11.64 -18.20
CA PHE F 39 -2.64 10.83 -17.01
C PHE F 39 -3.90 10.01 -17.24
N ASP F 40 -4.05 8.92 -16.49
CA ASP F 40 -5.33 8.21 -16.44
C ASP F 40 -5.62 7.88 -14.98
N GLN F 41 -6.42 6.85 -14.73
CA GLN F 41 -6.84 6.59 -13.36
C GLN F 41 -5.70 6.17 -12.45
N PHE F 42 -4.66 5.55 -13.01
CA PHE F 42 -3.66 4.88 -12.17
C PHE F 42 -2.26 5.43 -12.38
N VAL F 43 -2.04 6.09 -13.52
CA VAL F 43 -0.71 6.63 -13.82
C VAL F 43 -0.68 8.08 -14.27
N ILE F 44 0.50 8.67 -14.15
CA ILE F 44 0.75 10.01 -14.62
C ILE F 44 1.98 9.95 -15.50
N LEU F 45 1.85 10.44 -16.73
CA LEU F 45 3.01 10.57 -17.63
C LEU F 45 3.68 11.93 -17.43
N LEU F 46 4.93 11.89 -16.98
CA LEU F 46 5.67 13.09 -16.62
C LEU F 46 6.80 13.31 -17.62
N LYS F 47 6.89 14.52 -18.15
CA LYS F 47 7.95 14.81 -19.10
C LYS F 47 8.87 15.94 -18.65
N ASN F 48 10.14 15.81 -19.00
N ASN F 48 10.13 15.82 -19.02
CA ASN F 48 11.09 16.92 -19.13
CA ASN F 48 11.11 16.89 -18.93
C ASN F 48 12.45 16.46 -19.68
C ASN F 48 12.42 16.46 -19.61
N THR F 49 13.46 16.30 -18.81
CA THR F 49 14.75 15.79 -19.25
C THR F 49 14.59 14.39 -19.86
N VAL F 50 13.71 13.60 -19.25
CA VAL F 50 13.33 12.27 -19.74
C VAL F 50 11.85 12.09 -19.45
N SER F 51 11.15 11.43 -20.35
CA SER F 51 9.75 11.11 -20.14
C SER F 51 9.63 9.86 -19.25
N GLN F 52 8.63 9.80 -18.38
CA GLN F 52 8.43 8.59 -17.55
C GLN F 52 6.99 8.38 -17.08
N MET F 53 6.62 7.13 -16.89
CA MET F 53 5.29 6.83 -16.35
C MET F 53 5.36 6.61 -14.82
N VAL F 54 4.58 7.40 -14.06
CA VAL F 54 4.56 7.31 -12.60
C VAL F 54 3.24 6.66 -12.15
N TYR F 55 3.32 5.61 -11.34
CA TYR F 55 2.12 5.06 -10.74
C TYR F 55 1.66 5.97 -9.59
N LYS F 56 0.38 6.30 -9.57
CA LYS F 56 -0.16 7.19 -8.54
C LYS F 56 0.02 6.56 -7.16
N HIS F 57 -0.03 5.23 -7.07
CA HIS F 57 0.11 4.58 -5.77
C HIS F 57 1.44 4.90 -5.08
N ALA F 58 2.43 5.32 -5.85
CA ALA F 58 3.73 5.65 -5.29
C ALA F 58 3.89 7.14 -5.03
N ILE F 59 2.87 7.92 -5.38
CA ILE F 59 2.98 9.38 -5.21
C ILE F 59 2.39 9.82 -3.89
N SER F 60 3.08 10.73 -3.18
CA SER F 60 2.50 11.27 -1.96
C SER F 60 1.84 12.63 -2.26
N THR F 61 2.59 13.52 -2.91
CA THR F 61 2.07 14.88 -3.19
C THR F 61 2.46 15.41 -4.57
N VAL F 62 1.63 16.29 -5.12
CA VAL F 62 1.95 16.96 -6.37
C VAL F 62 1.88 18.44 -6.02
N VAL F 63 2.98 19.15 -6.27
CA VAL F 63 3.11 20.55 -5.88
C VAL F 63 3.42 21.43 -7.11
N PRO F 64 2.46 22.24 -7.56
CA PRO F 64 2.73 23.13 -8.70
C PRO F 64 3.75 24.23 -8.36
N SER F 65 4.48 24.67 -9.39
CA SER F 65 5.46 25.72 -9.25
C SER F 65 4.80 27.08 -8.94
N ARG F 66 3.53 27.22 -9.31
CA ARG F 66 2.79 28.46 -9.04
C ARG F 66 1.34 28.10 -8.75
N PRO F 67 0.57 29.05 -8.18
CA PRO F 67 -0.86 28.81 -7.98
C PRO F 67 -1.62 28.57 -9.28
N VAL F 68 -2.64 27.72 -9.23
CA VAL F 68 -3.47 27.47 -10.41
C VAL F 68 -4.93 27.45 -10.00
N ARG F 69 -5.81 27.53 -10.98
CA ARG F 69 -7.23 27.53 -10.73
C ARG F 69 -7.65 26.19 -10.15
N LEU F 70 -8.45 26.22 -9.09
CA LEU F 70 -8.89 24.98 -8.45
C LEU F 70 -10.27 24.58 -8.97
N PRO F 71 -10.57 23.26 -8.94
CA PRO F 71 -11.89 22.75 -9.34
C PRO F 71 -13.00 23.23 -8.40
N SER F 72 -14.17 23.53 -8.98
CA SER F 72 -15.28 24.08 -8.20
C SER F 72 -16.37 23.03 -7.94
#